data_7YDO
#
_entry.id   7YDO
#
_cell.length_a   82.364
_cell.length_b   82.364
_cell.length_c   113.427
_cell.angle_alpha   90.000
_cell.angle_beta   90.000
_cell.angle_gamma   90.000
#
_symmetry.space_group_name_H-M   'P 41 2 2'
#
loop_
_entity.id
_entity.type
_entity.pdbx_description
1 polymer 'Uncharacterized protein C26A3.14c'
2 non-polymer 1,2-Distearoyl-sn-glycerophosphoethanolamine
3 water water
#
_entity_poly.entity_id   1
_entity_poly.type   'polypeptide(L)'
_entity_poly.pdbx_seq_one_letter_code
;GPGGGSGGGSMPFLSRLFHYGVDLALVSTCVAGIRRSSGISFEVEKIHNEDVKTAVEKYLNFGEWAFDQSSAFLGSSTWF
KKV
;
_entity_poly.pdbx_strand_id   A,B,C,D
#
loop_
_chem_comp.id
_chem_comp.type
_chem_comp.name
_chem_comp.formula
3PE non-polymer 1,2-Distearoyl-sn-glycerophosphoethanolamine 'C41 H82 N O8 P'
#
# COMPACT_ATOMS: atom_id res chain seq x y z
N MET A 11 2.69 -7.23 22.20
CA MET A 11 2.92 -6.33 21.07
C MET A 11 1.62 -6.03 20.33
N PRO A 12 1.22 -4.76 20.28
CA PRO A 12 0.00 -4.40 19.55
C PRO A 12 0.13 -4.74 18.07
N PHE A 13 -1.02 -4.84 17.40
CA PHE A 13 -1.03 -5.25 16.00
C PHE A 13 -0.23 -4.31 15.13
N LEU A 14 -0.34 -2.99 15.36
CA LEU A 14 0.41 -2.04 14.54
C LEU A 14 1.91 -2.25 14.69
N SER A 15 2.39 -2.48 15.91
CA SER A 15 3.81 -2.77 16.11
C SER A 15 4.21 -4.06 15.41
N ARG A 16 3.30 -5.05 15.35
CA ARG A 16 3.62 -6.26 14.61
C ARG A 16 3.78 -6.00 13.12
N LEU A 17 2.94 -5.12 12.54
CA LEU A 17 3.11 -4.76 11.14
C LEU A 17 4.52 -4.28 10.87
N PHE A 18 5.01 -3.36 11.70
CA PHE A 18 6.34 -2.80 11.47
C PHE A 18 7.43 -3.83 11.72
N HIS A 19 7.21 -4.73 12.68
CA HIS A 19 8.17 -5.78 12.99
C HIS A 19 8.27 -6.79 11.85
N TYR A 20 7.11 -7.19 11.28
CA TYR A 20 7.12 -8.20 10.22
C TYR A 20 7.58 -7.60 8.90
N GLY A 21 7.24 -6.34 8.67
CA GLY A 21 7.44 -5.70 7.38
C GLY A 21 6.31 -6.01 6.41
N VAL A 22 6.26 -5.22 5.35
CA VAL A 22 5.14 -5.27 4.42
C VAL A 22 4.99 -6.66 3.80
N ASP A 23 6.11 -7.24 3.32
CA ASP A 23 6.09 -8.54 2.66
C ASP A 23 5.39 -9.59 3.52
N LEU A 24 5.96 -9.86 4.69
CA LEU A 24 5.44 -10.92 5.56
C LEU A 24 4.08 -10.55 6.15
N ALA A 25 3.81 -9.26 6.34
CA ALA A 25 2.47 -8.86 6.78
C ALA A 25 1.42 -9.22 5.74
N LEU A 26 1.73 -8.97 4.46
CA LEU A 26 0.79 -9.30 3.39
C LEU A 26 0.61 -10.81 3.26
N VAL A 27 1.70 -11.58 3.41
CA VAL A 27 1.57 -13.04 3.39
C VAL A 27 0.57 -13.50 4.45
N SER A 28 0.72 -12.99 5.68
CA SER A 28 -0.19 -13.47 6.74
C SER A 28 -1.62 -13.04 6.46
N THR A 29 -1.81 -11.83 5.94
CA THR A 29 -3.14 -11.34 5.61
C THR A 29 -3.76 -12.20 4.52
N CYS A 30 -2.96 -12.61 3.53
CA CYS A 30 -3.45 -13.49 2.47
C CYS A 30 -3.82 -14.87 3.02
N VAL A 31 -3.02 -15.42 3.93
CA VAL A 31 -3.34 -16.69 4.57
C VAL A 31 -4.67 -16.61 5.31
N ALA A 32 -4.92 -15.49 6.00
CA ALA A 32 -6.20 -15.31 6.69
C ALA A 32 -7.35 -15.28 5.68
N GLY A 33 -7.19 -14.54 4.58
CA GLY A 33 -8.22 -14.49 3.56
C GLY A 33 -8.53 -15.87 3.01
N ILE A 34 -7.50 -16.68 2.80
CA ILE A 34 -7.72 -18.05 2.34
C ILE A 34 -8.54 -18.83 3.36
N ARG A 35 -8.23 -18.69 4.64
CA ARG A 35 -9.00 -19.40 5.67
C ARG A 35 -10.47 -19.00 5.64
N ARG A 36 -10.75 -17.69 5.52
CA ARG A 36 -12.13 -17.23 5.65
C ARG A 36 -13.02 -17.75 4.52
N SER A 37 -12.46 -17.87 3.32
CA SER A 37 -13.20 -18.25 2.13
C SER A 37 -13.14 -19.74 1.84
N SER A 38 -11.96 -20.35 2.07
CA SER A 38 -11.73 -21.74 1.72
C SER A 38 -11.97 -22.71 2.87
N GLY A 39 -11.92 -22.23 4.11
CA GLY A 39 -11.85 -23.11 5.27
C GLY A 39 -10.49 -23.73 5.50
N ILE A 40 -9.55 -23.56 4.57
CA ILE A 40 -8.21 -24.15 4.70
C ILE A 40 -7.47 -23.39 5.78
N SER A 41 -7.11 -24.08 6.86
CA SER A 41 -6.62 -23.45 8.07
C SER A 41 -5.29 -24.07 8.48
N PHE A 42 -4.36 -23.22 8.91
CA PHE A 42 -3.10 -23.73 9.43
C PHE A 42 -3.36 -24.49 10.72
N GLU A 43 -2.81 -25.71 10.82
CA GLU A 43 -3.05 -26.58 11.97
C GLU A 43 -2.07 -26.23 13.08
N VAL A 44 -2.41 -25.17 13.82
CA VAL A 44 -1.55 -24.68 14.88
C VAL A 44 -1.25 -25.78 15.89
N GLU A 45 -2.21 -26.67 16.14
CA GLU A 45 -2.03 -27.68 17.17
C GLU A 45 -0.90 -28.65 16.85
N LYS A 46 -0.57 -28.81 15.56
CA LYS A 46 0.48 -29.76 15.19
C LYS A 46 1.88 -29.23 15.49
N ILE A 47 2.02 -27.97 15.86
CA ILE A 47 3.30 -27.49 16.36
C ILE A 47 3.53 -28.06 17.74
N HIS A 48 4.67 -28.71 17.94
CA HIS A 48 4.92 -29.40 19.19
C HIS A 48 5.48 -28.47 20.26
N ASN A 49 6.49 -27.67 19.92
CA ASN A 49 7.08 -26.75 20.90
C ASN A 49 6.09 -25.65 21.25
N GLU A 50 5.81 -25.48 22.54
CA GLU A 50 4.82 -24.50 22.94
C GLU A 50 5.24 -23.07 22.65
N ASP A 51 6.54 -22.77 22.69
CA ASP A 51 6.99 -21.41 22.42
C ASP A 51 6.91 -21.08 20.93
N VAL A 52 7.18 -22.06 20.08
CA VAL A 52 7.03 -21.85 18.65
C VAL A 52 5.56 -21.74 18.28
N LYS A 53 4.72 -22.58 18.89
CA LYS A 53 3.28 -22.48 18.66
C LYS A 53 2.77 -21.08 18.96
N THR A 54 3.21 -20.50 20.07
CA THR A 54 2.78 -19.14 20.43
C THR A 54 3.24 -18.13 19.38
N ALA A 55 4.48 -18.22 18.93
CA ALA A 55 4.98 -17.24 17.98
C ALA A 55 4.23 -17.32 16.64
N VAL A 56 3.99 -18.55 16.17
CA VAL A 56 3.26 -18.72 14.92
C VAL A 56 1.83 -18.21 15.05
N GLU A 57 1.20 -18.44 16.21
CA GLU A 57 -0.15 -17.95 16.43
C GLU A 57 -0.20 -16.44 16.40
N LYS A 58 0.80 -15.77 16.99
CA LYS A 58 0.83 -14.31 16.92
C LYS A 58 0.92 -13.83 15.48
N TYR A 59 1.72 -14.51 14.66
CA TYR A 59 1.89 -14.08 13.29
C TYR A 59 0.60 -14.27 12.48
N LEU A 60 -0.04 -15.44 12.61
CA LEU A 60 -1.29 -15.71 11.90
C LEU A 60 -2.41 -14.81 12.42
N ASN A 61 -2.50 -14.62 13.73
CA ASN A 61 -3.54 -13.75 14.28
C ASN A 61 -3.37 -12.31 13.81
N PHE A 62 -2.12 -11.84 13.65
CA PHE A 62 -1.91 -10.55 13.03
C PHE A 62 -2.57 -10.47 11.65
N GLY A 63 -2.41 -11.53 10.84
CA GLY A 63 -2.99 -11.51 9.51
C GLY A 63 -4.51 -11.50 9.53
N GLU A 64 -5.11 -12.18 10.52
CA GLU A 64 -6.56 -12.11 10.69
C GLU A 64 -7.01 -10.69 10.99
N TRP A 65 -6.33 -10.02 11.93
CA TRP A 65 -6.62 -8.62 12.23
C TRP A 65 -6.45 -7.72 11.00
N ALA A 66 -5.32 -7.88 10.29
CA ALA A 66 -5.02 -7.04 9.13
C ALA A 66 -6.03 -7.26 8.01
N PHE A 67 -6.47 -8.51 7.81
CA PHE A 67 -7.50 -8.80 6.84
C PHE A 67 -8.78 -8.01 7.15
N ASP A 68 -9.20 -8.03 8.41
CA ASP A 68 -10.43 -7.33 8.77
C ASP A 68 -10.25 -5.81 8.73
N GLN A 69 -9.08 -5.30 9.13
CA GLN A 69 -8.84 -3.86 9.01
C GLN A 69 -8.81 -3.43 7.56
N SER A 70 -8.15 -4.20 6.70
CA SER A 70 -8.11 -3.89 5.28
C SER A 70 -9.51 -3.93 4.68
N SER A 71 -10.30 -4.95 5.02
CA SER A 71 -11.66 -5.04 4.50
C SER A 71 -12.46 -3.81 4.87
N ALA A 72 -12.36 -3.38 6.14
CA ALA A 72 -13.11 -2.21 6.59
C ALA A 72 -12.66 -0.95 5.87
N PHE A 73 -11.35 -0.81 5.65
CA PHE A 73 -10.84 0.37 4.96
C PHE A 73 -11.34 0.43 3.52
N LEU A 74 -11.17 -0.66 2.76
CA LEU A 74 -11.73 -0.68 1.41
C LEU A 74 -13.24 -0.43 1.40
N GLY A 75 -13.99 -1.06 2.33
CA GLY A 75 -15.41 -0.81 2.43
C GLY A 75 -15.74 0.63 2.79
N SER A 76 -14.78 1.37 3.31
CA SER A 76 -15.00 2.78 3.66
C SER A 76 -14.92 3.71 2.46
N SER A 77 -14.53 3.20 1.29
CA SER A 77 -14.25 4.05 0.14
C SER A 77 -15.35 3.93 -0.90
N THR A 78 -15.70 5.04 -1.54
CA THR A 78 -16.68 5.00 -2.62
C THR A 78 -16.14 4.30 -3.87
N TRP A 79 -14.85 4.03 -3.93
CA TRP A 79 -14.31 3.26 -5.05
C TRP A 79 -14.58 1.77 -4.93
N PHE A 80 -15.19 1.34 -3.83
CA PHE A 80 -15.55 -0.05 -3.66
C PHE A 80 -17.06 -0.17 -3.54
N LYS A 81 -17.58 -1.19 -4.18
CA LYS A 81 -18.99 -1.53 -4.08
C LYS A 81 -19.17 -2.69 -3.13
N LYS A 82 -20.40 -2.88 -2.73
CA LYS A 82 -20.65 -3.89 -1.74
C LYS A 82 -21.81 -4.76 -2.16
N VAL A 83 -21.59 -6.07 -2.14
CA VAL A 83 -22.62 -6.99 -2.62
C VAL A 83 -23.11 -7.93 -1.53
N MET B 11 13.99 3.12 20.02
CA MET B 11 12.62 3.59 20.15
C MET B 11 12.39 5.10 19.97
N PRO B 12 13.45 5.91 19.89
CA PRO B 12 13.24 7.34 19.71
C PRO B 12 12.67 7.64 18.33
N PHE B 13 12.27 8.90 18.15
CA PHE B 13 11.83 9.39 16.85
C PHE B 13 12.87 9.10 15.79
N LEU B 14 14.14 9.25 16.13
CA LEU B 14 15.17 9.25 15.10
C LEU B 14 15.50 7.84 14.62
N SER B 15 14.96 6.81 15.26
CA SER B 15 15.08 5.46 14.75
C SER B 15 13.90 5.05 13.86
N ARG B 16 12.87 5.89 13.75
CA ARG B 16 11.62 5.40 13.19
C ARG B 16 11.71 5.10 11.69
N LEU B 17 12.60 5.78 10.96
CA LEU B 17 12.78 5.43 9.55
C LEU B 17 13.04 3.94 9.40
N PHE B 18 13.94 3.43 10.22
CA PHE B 18 14.37 2.03 10.12
C PHE B 18 13.35 1.09 10.74
N HIS B 19 12.65 1.55 11.78
CA HIS B 19 11.58 0.77 12.39
C HIS B 19 10.40 0.59 11.46
N TYR B 20 9.91 1.68 10.87
CA TYR B 20 8.80 1.57 9.91
C TYR B 20 9.25 0.90 8.63
N GLY B 21 10.52 1.12 8.23
CA GLY B 21 11.03 0.63 6.96
C GLY B 21 10.73 1.59 5.83
N VAL B 22 11.46 1.41 4.73
CA VAL B 22 11.40 2.37 3.63
C VAL B 22 10.00 2.44 3.03
N ASP B 23 9.39 1.28 2.78
CA ASP B 23 8.07 1.25 2.15
C ASP B 23 7.09 2.12 2.95
N LEU B 24 6.95 1.79 4.24
CA LEU B 24 5.92 2.45 5.03
C LEU B 24 6.32 3.86 5.42
N ALA B 25 7.62 4.15 5.49
CA ALA B 25 8.04 5.54 5.70
C ALA B 25 7.66 6.38 4.49
N LEU B 26 7.85 5.85 3.28
CA LEU B 26 7.44 6.57 2.08
C LEU B 26 5.92 6.78 2.04
N VAL B 27 5.14 5.76 2.41
CA VAL B 27 3.69 5.93 2.46
C VAL B 27 3.34 7.10 3.39
N SER B 28 3.92 7.14 4.59
CA SER B 28 3.55 8.19 5.53
C SER B 28 3.93 9.56 4.97
N THR B 29 5.11 9.65 4.35
CA THR B 29 5.55 10.90 3.75
C THR B 29 4.62 11.33 2.63
N CYS B 30 4.19 10.37 1.82
CA CYS B 30 3.24 10.65 0.76
C CYS B 30 1.93 11.18 1.33
N VAL B 31 1.41 10.54 2.36
CA VAL B 31 0.17 10.96 3.00
C VAL B 31 0.28 12.39 3.52
N ALA B 32 1.43 12.74 4.09
CA ALA B 32 1.65 14.12 4.54
C ALA B 32 1.61 15.10 3.39
N GLY B 33 2.28 14.78 2.28
CA GLY B 33 2.26 15.67 1.12
C GLY B 33 0.85 15.87 0.60
N ILE B 34 0.06 14.80 0.58
CA ILE B 34 -1.34 14.93 0.18
C ILE B 34 -2.08 15.90 1.10
N ARG B 35 -1.88 15.80 2.41
CA ARG B 35 -2.55 16.70 3.34
C ARG B 35 -2.16 18.15 3.08
N ARG B 36 -0.88 18.41 2.75
CA ARG B 36 -0.39 19.78 2.70
C ARG B 36 -1.04 20.57 1.57
N SER B 37 -1.28 19.95 0.42
CA SER B 37 -1.81 20.74 -0.68
C SER B 37 -3.28 20.48 -1.00
N SER B 38 -3.85 19.38 -0.51
CA SER B 38 -5.27 19.09 -0.75
C SER B 38 -6.14 19.28 0.49
N GLY B 39 -5.55 19.32 1.68
CA GLY B 39 -6.32 19.38 2.90
C GLY B 39 -6.92 18.05 3.32
N ILE B 40 -6.78 17.01 2.51
CA ILE B 40 -7.30 15.68 2.85
C ILE B 40 -6.44 15.09 3.96
N SER B 41 -7.08 14.78 5.10
CA SER B 41 -6.38 14.54 6.36
C SER B 41 -6.92 13.28 7.04
N PHE B 42 -6.02 12.47 7.58
CA PHE B 42 -6.45 11.24 8.24
C PHE B 42 -7.29 11.56 9.48
N GLU B 43 -8.37 10.79 9.66
CA GLU B 43 -9.32 11.00 10.74
C GLU B 43 -8.80 10.38 12.05
N VAL B 44 -7.79 11.03 12.62
CA VAL B 44 -7.27 10.63 13.93
C VAL B 44 -8.38 10.56 14.98
N GLU B 45 -9.38 11.46 14.92
CA GLU B 45 -10.45 11.51 15.92
C GLU B 45 -11.30 10.25 15.94
N LYS B 46 -11.19 9.39 14.91
CA LYS B 46 -11.97 8.15 14.87
C LYS B 46 -11.28 6.99 15.56
N ILE B 47 -10.09 7.21 16.11
CA ILE B 47 -9.36 6.18 16.84
C ILE B 47 -9.63 6.38 18.32
N HIS B 48 -10.23 5.38 18.97
CA HIS B 48 -10.71 5.58 20.33
C HIS B 48 -9.95 4.81 21.38
N ASN B 49 -8.93 4.05 21.00
CA ASN B 49 -7.95 3.55 21.95
C ASN B 49 -6.81 4.55 22.02
N GLU B 50 -6.52 5.08 23.21
CA GLU B 50 -5.58 6.19 23.27
C GLU B 50 -4.17 5.74 22.94
N ASP B 51 -3.82 4.48 23.23
CA ASP B 51 -2.48 4.00 22.87
C ASP B 51 -2.34 3.83 21.37
N VAL B 52 -3.39 3.29 20.72
CA VAL B 52 -3.37 3.17 19.26
C VAL B 52 -3.34 4.56 18.62
N LYS B 53 -4.14 5.48 19.15
CA LYS B 53 -4.13 6.84 18.60
C LYS B 53 -2.72 7.44 18.67
N THR B 54 -2.06 7.29 19.82
CA THR B 54 -0.71 7.81 19.92
C THR B 54 0.23 7.18 18.89
N ALA B 55 0.16 5.86 18.71
CA ALA B 55 1.04 5.19 17.75
C ALA B 55 0.76 5.64 16.32
N VAL B 56 -0.52 5.81 15.99
CA VAL B 56 -0.87 6.28 14.65
C VAL B 56 -0.40 7.72 14.46
N GLU B 57 -0.55 8.56 15.49
CA GLU B 57 -0.08 9.93 15.41
C GLU B 57 1.42 9.98 15.20
N LYS B 58 2.16 9.09 15.89
CA LYS B 58 3.61 9.05 15.71
C LYS B 58 3.97 8.67 14.27
N TYR B 59 3.31 7.65 13.73
CA TYR B 59 3.57 7.21 12.37
C TYR B 59 3.26 8.33 11.36
N LEU B 60 2.10 8.98 11.51
CA LEU B 60 1.76 10.07 10.59
C LEU B 60 2.70 11.26 10.77
N ASN B 61 3.05 11.61 12.01
CA ASN B 61 3.92 12.76 12.19
C ASN B 61 5.33 12.48 11.71
N PHE B 62 5.78 11.21 11.74
CA PHE B 62 7.07 10.92 11.12
C PHE B 62 7.05 11.30 9.64
N GLY B 63 5.96 10.97 8.96
CA GLY B 63 5.81 11.35 7.56
C GLY B 63 5.79 12.85 7.35
N GLU B 64 5.13 13.58 8.27
CA GLU B 64 5.12 15.04 8.17
C GLU B 64 6.53 15.60 8.33
N TRP B 65 7.27 15.08 9.30
CA TRP B 65 8.64 15.51 9.52
C TRP B 65 9.53 15.14 8.34
N ALA B 66 9.40 13.92 7.85
CA ALA B 66 10.20 13.48 6.71
C ALA B 66 9.88 14.31 5.47
N PHE B 67 8.61 14.69 5.30
CA PHE B 67 8.24 15.55 4.19
C PHE B 67 8.94 16.89 4.29
N ASP B 68 8.96 17.49 5.49
CA ASP B 68 9.66 18.76 5.67
C ASP B 68 11.17 18.60 5.45
N GLN B 69 11.78 17.53 5.96
CA GLN B 69 13.22 17.37 5.77
C GLN B 69 13.57 17.14 4.30
N SER B 70 12.78 16.32 3.62
CA SER B 70 13.03 16.03 2.21
C SER B 70 12.84 17.27 1.35
N SER B 71 11.77 18.03 1.62
CA SER B 71 11.58 19.34 0.98
C SER B 71 12.81 20.23 1.12
N ALA B 72 13.34 20.33 2.34
CA ALA B 72 14.50 21.19 2.56
C ALA B 72 15.73 20.66 1.84
N PHE B 73 15.91 19.34 1.84
CA PHE B 73 17.06 18.76 1.15
C PHE B 73 17.00 19.03 -0.35
N LEU B 74 15.84 18.76 -0.97
CA LEU B 74 15.73 19.04 -2.41
C LEU B 74 15.94 20.51 -2.68
N GLY B 75 15.38 21.37 -1.84
CA GLY B 75 15.58 22.80 -1.99
C GLY B 75 17.04 23.22 -1.88
N SER B 76 17.87 22.46 -1.16
CA SER B 76 19.28 22.79 -1.02
C SER B 76 20.09 22.49 -2.28
N SER B 77 19.49 21.85 -3.28
CA SER B 77 20.20 21.43 -4.49
C SER B 77 19.96 22.43 -5.61
N THR B 78 21.01 22.71 -6.38
CA THR B 78 20.85 23.56 -7.55
C THR B 78 20.07 22.90 -8.67
N TRP B 79 19.76 21.61 -8.56
CA TRP B 79 18.90 20.95 -9.53
C TRP B 79 17.43 21.23 -9.31
N PHE B 80 17.07 21.94 -8.23
CA PHE B 80 15.70 22.30 -7.95
C PHE B 80 15.59 23.82 -7.88
N LYS B 81 14.43 24.34 -8.28
CA LYS B 81 14.16 25.77 -8.25
C LYS B 81 12.79 26.01 -7.62
N LYS B 82 12.67 27.12 -6.89
CA LYS B 82 11.39 27.48 -6.30
C LYS B 82 10.58 28.26 -7.32
N VAL B 83 9.41 27.73 -7.67
CA VAL B 83 8.57 28.32 -8.70
C VAL B 83 7.35 28.98 -8.05
N MET C 11 -2.89 5.51 -21.97
CA MET C 11 -2.65 5.71 -20.55
C MET C 11 -1.49 4.87 -20.06
N PRO C 12 -0.27 5.41 -20.17
CA PRO C 12 0.91 4.64 -19.76
C PRO C 12 1.18 4.68 -18.26
N PHE C 13 0.39 5.42 -17.48
CA PHE C 13 0.76 5.63 -16.08
C PHE C 13 0.65 4.34 -15.27
N LEU C 14 -0.36 3.52 -15.52
CA LEU C 14 -0.47 2.29 -14.74
C LEU C 14 0.66 1.32 -15.08
N SER C 15 0.98 1.14 -16.36
CA SER C 15 2.15 0.35 -16.71
C SER C 15 3.41 0.93 -16.09
N ARG C 16 3.50 2.26 -15.96
CA ARG C 16 4.69 2.83 -15.32
C ARG C 16 4.78 2.44 -13.86
N LEU C 17 3.65 2.39 -13.15
CA LEU C 17 3.67 1.94 -11.76
C LEU C 17 4.36 0.59 -11.64
N PHE C 18 3.94 -0.38 -12.48
CA PHE C 18 4.48 -1.72 -12.35
C PHE C 18 5.93 -1.77 -12.78
N HIS C 19 6.32 -0.96 -13.77
CA HIS C 19 7.72 -0.89 -14.19
C HIS C 19 8.58 -0.28 -13.08
N TYR C 20 8.12 0.81 -12.48
CA TYR C 20 8.93 1.50 -11.48
C TYR C 20 9.01 0.70 -10.17
N GLY C 21 7.93 0.01 -9.81
CA GLY C 21 7.84 -0.62 -8.51
C GLY C 21 7.37 0.36 -7.44
N VAL C 22 6.95 -0.20 -6.29
CA VAL C 22 6.29 0.60 -5.25
C VAL C 22 7.21 1.70 -4.72
N ASP C 23 8.47 1.36 -4.39
CA ASP C 23 9.29 2.35 -3.69
C ASP C 23 9.62 3.53 -4.60
N LEU C 24 10.03 3.25 -5.84
CA LEU C 24 10.34 4.35 -6.77
C LEU C 24 9.07 5.10 -7.18
N ALA C 25 7.93 4.40 -7.27
CA ALA C 25 6.68 5.12 -7.51
C ALA C 25 6.34 6.07 -6.37
N LEU C 26 6.54 5.65 -5.11
CA LEU C 26 6.26 6.53 -3.98
C LEU C 26 7.23 7.71 -3.93
N VAL C 27 8.51 7.47 -4.26
CA VAL C 27 9.46 8.57 -4.30
C VAL C 27 8.96 9.65 -5.25
N SER C 28 8.59 9.26 -6.47
CA SER C 28 8.11 10.25 -7.44
C SER C 28 6.87 10.98 -6.93
N THR C 29 5.96 10.25 -6.26
CA THR C 29 4.75 10.90 -5.76
C THR C 29 5.06 11.87 -4.63
N CYS C 30 6.07 11.56 -3.80
CA CYS C 30 6.49 12.52 -2.78
C CYS C 30 7.12 13.75 -3.41
N VAL C 31 7.96 13.56 -4.45
CA VAL C 31 8.53 14.70 -5.15
C VAL C 31 7.43 15.60 -5.69
N ALA C 32 6.37 15.00 -6.25
CA ALA C 32 5.24 15.81 -6.70
C ALA C 32 4.59 16.57 -5.54
N GLY C 33 4.37 15.87 -4.43
CA GLY C 33 3.80 16.53 -3.25
C GLY C 33 4.65 17.69 -2.76
N ILE C 34 5.97 17.54 -2.80
CA ILE C 34 6.86 18.63 -2.40
C ILE C 34 6.69 19.83 -3.33
N ARG C 35 6.60 19.59 -4.64
CA ARG C 35 6.40 20.69 -5.57
C ARG C 35 5.07 21.40 -5.30
N ARG C 36 4.00 20.63 -5.03
CA ARG C 36 2.68 21.22 -4.87
C ARG C 36 2.62 22.15 -3.66
N SER C 37 3.31 21.78 -2.59
CA SER C 37 3.16 22.56 -1.35
C SER C 37 4.23 23.62 -1.16
N SER C 38 5.43 23.42 -1.70
CA SER C 38 6.53 24.38 -1.52
C SER C 38 6.91 25.13 -2.79
N GLY C 39 6.50 24.67 -3.96
CA GLY C 39 6.99 25.27 -5.19
C GLY C 39 8.35 24.77 -5.62
N ILE C 40 9.01 23.94 -4.81
CA ILE C 40 10.34 23.42 -5.16
C ILE C 40 10.19 22.38 -6.26
N SER C 41 10.80 22.64 -7.42
CA SER C 41 10.53 21.90 -8.64
C SER C 41 11.84 21.48 -9.30
N PHE C 42 11.89 20.26 -9.82
CA PHE C 42 13.08 19.81 -10.53
C PHE C 42 13.25 20.59 -11.84
N GLU C 43 14.47 21.06 -12.08
CA GLU C 43 14.78 21.87 -13.26
C GLU C 43 15.06 20.96 -14.47
N VAL C 44 13.98 20.40 -15.02
CA VAL C 44 14.14 19.48 -16.15
C VAL C 44 14.76 20.20 -17.34
N GLU C 45 14.56 21.52 -17.45
CA GLU C 45 15.07 22.26 -18.60
C GLU C 45 16.59 22.32 -18.63
N LYS C 46 17.27 21.92 -17.56
CA LYS C 46 18.73 21.92 -17.56
C LYS C 46 19.32 20.63 -18.11
N ILE C 47 18.50 19.61 -18.36
CA ILE C 47 18.96 18.36 -18.96
C ILE C 47 18.93 18.52 -20.48
N HIS C 48 20.09 18.48 -21.13
CA HIS C 48 20.09 18.67 -22.57
C HIS C 48 20.26 17.38 -23.36
N ASN C 49 20.64 16.27 -22.72
CA ASN C 49 20.55 14.98 -23.41
C ASN C 49 19.06 14.61 -23.44
N GLU C 50 18.42 14.73 -24.61
CA GLU C 50 16.96 14.61 -24.65
C GLU C 50 16.48 13.22 -24.27
N ASP C 51 17.32 12.20 -24.48
CA ASP C 51 16.97 10.87 -24.01
C ASP C 51 16.81 10.84 -22.49
N VAL C 52 17.81 11.32 -21.77
CA VAL C 52 17.74 11.43 -20.31
C VAL C 52 16.59 12.33 -19.90
N LYS C 53 16.44 13.46 -20.58
CA LYS C 53 15.36 14.38 -20.22
C LYS C 53 14.01 13.70 -20.31
N THR C 54 13.77 12.98 -21.40
CA THR C 54 12.46 12.34 -21.57
C THR C 54 12.22 11.28 -20.51
N ALA C 55 13.25 10.52 -20.14
CA ALA C 55 13.08 9.52 -19.10
C ALA C 55 12.77 10.16 -17.74
N VAL C 56 13.46 11.26 -17.41
CA VAL C 56 13.21 11.95 -16.16
C VAL C 56 11.81 12.54 -16.15
N GLU C 57 11.42 13.16 -17.27
CA GLU C 57 10.07 13.75 -17.37
C GLU C 57 8.99 12.69 -17.18
N LYS C 58 9.14 11.52 -17.83
CA LYS C 58 8.16 10.46 -17.66
C LYS C 58 8.05 10.03 -16.21
N TYR C 59 9.19 9.90 -15.53
CA TYR C 59 9.19 9.47 -14.13
C TYR C 59 8.53 10.52 -13.23
N LEU C 60 8.89 11.80 -13.40
CA LEU C 60 8.30 12.85 -12.58
C LEU C 60 6.82 13.04 -12.89
N ASN C 61 6.45 12.96 -14.18
CA ASN C 61 5.04 13.12 -14.56
C ASN C 61 4.19 11.98 -14.03
N PHE C 62 4.77 10.77 -13.91
CA PHE C 62 4.05 9.70 -13.25
C PHE C 62 3.70 10.08 -11.81
N GLY C 63 4.67 10.64 -11.08
CA GLY C 63 4.45 11.02 -9.70
C GLY C 63 3.36 12.07 -9.56
N GLU C 64 3.31 13.01 -10.50
CA GLU C 64 2.24 14.01 -10.49
C GLU C 64 0.87 13.37 -10.67
N TRP C 65 0.76 12.44 -11.62
CA TRP C 65 -0.49 11.72 -11.81
C TRP C 65 -0.84 10.89 -10.58
N ALA C 66 0.14 10.14 -10.06
CA ALA C 66 -0.08 9.31 -8.88
C ALA C 66 -0.50 10.14 -7.67
N PHE C 67 0.06 11.33 -7.54
CA PHE C 67 -0.34 12.22 -6.45
C PHE C 67 -1.84 12.54 -6.54
N ASP C 68 -2.31 12.87 -7.75
CA ASP C 68 -3.71 13.20 -7.92
C ASP C 68 -4.61 11.97 -7.71
N GLN C 69 -4.20 10.79 -8.19
CA GLN C 69 -5.02 9.60 -8.00
C GLN C 69 -5.05 9.17 -6.53
N SER C 70 -3.89 9.26 -5.86
CA SER C 70 -3.79 8.91 -4.44
C SER C 70 -4.63 9.86 -3.60
N SER C 71 -4.57 11.16 -3.90
CA SER C 71 -5.41 12.12 -3.17
C SER C 71 -6.88 11.76 -3.32
N ALA C 72 -7.30 11.49 -4.55
CA ALA C 72 -8.70 11.18 -4.79
C ALA C 72 -9.12 9.92 -4.05
N PHE C 73 -8.26 8.90 -4.06
CA PHE C 73 -8.62 7.65 -3.38
C PHE C 73 -8.74 7.86 -1.88
N LEU C 74 -7.73 8.50 -1.27
CA LEU C 74 -7.82 8.75 0.16
C LEU C 74 -9.05 9.59 0.50
N GLY C 75 -9.34 10.61 -0.31
CA GLY C 75 -10.52 11.43 -0.08
C GLY C 75 -11.84 10.68 -0.23
N SER C 76 -11.83 9.55 -0.95
CA SER C 76 -13.03 8.73 -1.14
C SER C 76 -13.40 7.94 0.11
N SER C 77 -12.53 7.94 1.12
CA SER C 77 -12.67 7.11 2.31
C SER C 77 -13.20 7.91 3.49
N THR C 78 -14.08 7.27 4.30
CA THR C 78 -14.51 7.92 5.53
C THR C 78 -13.39 8.07 6.54
N TRP C 79 -12.22 7.45 6.30
CA TRP C 79 -11.07 7.57 7.19
C TRP C 79 -10.27 8.85 6.95
N PHE C 80 -10.66 9.64 5.96
CA PHE C 80 -10.04 10.93 5.68
C PHE C 80 -11.11 12.00 5.59
N LYS C 81 -10.73 13.23 5.96
CA LYS C 81 -11.61 14.38 5.95
C LYS C 81 -10.89 15.56 5.31
N LYS C 82 -11.60 16.33 4.50
CA LYS C 82 -11.01 17.53 3.92
C LYS C 82 -11.06 18.65 4.96
N VAL C 83 -9.90 19.14 5.37
CA VAL C 83 -9.83 20.16 6.41
C VAL C 83 -9.56 21.53 5.78
N MET D 11 -3.88 -17.15 -20.52
CA MET D 11 -3.12 -17.68 -19.40
C MET D 11 -1.71 -17.10 -19.33
N PRO D 12 -1.61 -15.79 -19.14
CA PRO D 12 -0.30 -15.16 -18.87
C PRO D 12 -0.04 -14.91 -17.39
N PHE D 13 -0.85 -15.48 -16.50
CA PHE D 13 -0.87 -15.03 -15.10
C PHE D 13 0.51 -15.07 -14.46
N LEU D 14 1.34 -16.05 -14.83
CA LEU D 14 2.64 -16.17 -14.19
C LEU D 14 3.58 -15.05 -14.62
N SER D 15 3.64 -14.77 -15.92
CA SER D 15 4.43 -13.61 -16.34
C SER D 15 3.98 -12.36 -15.60
N ARG D 16 2.69 -12.26 -15.27
CA ARG D 16 2.22 -11.07 -14.60
C ARG D 16 2.67 -11.01 -13.15
N LEU D 17 2.86 -12.16 -12.49
CA LEU D 17 3.44 -12.13 -11.15
C LEU D 17 4.75 -11.36 -11.15
N PHE D 18 5.63 -11.68 -12.11
CA PHE D 18 6.91 -10.99 -12.17
C PHE D 18 6.76 -9.55 -12.65
N HIS D 19 5.77 -9.30 -13.51
CA HIS D 19 5.49 -7.95 -13.98
C HIS D 19 5.04 -7.06 -12.83
N TYR D 20 4.07 -7.53 -12.03
CA TYR D 20 3.58 -6.74 -10.91
C TYR D 20 4.57 -6.69 -9.76
N GLY D 21 5.34 -7.76 -9.54
CA GLY D 21 6.23 -7.83 -8.40
C GLY D 21 5.54 -8.40 -7.18
N VAL D 22 6.37 -8.82 -6.21
CA VAL D 22 5.86 -9.55 -5.05
C VAL D 22 4.82 -8.72 -4.29
N ASP D 23 5.14 -7.48 -3.95
CA ASP D 23 4.23 -6.79 -3.04
C ASP D 23 2.91 -6.44 -3.72
N LEU D 24 2.94 -5.98 -4.98
CA LEU D 24 1.68 -5.66 -5.65
C LEU D 24 0.90 -6.92 -6.02
N ALA D 25 1.60 -8.03 -6.29
CA ALA D 25 0.90 -9.30 -6.48
C ALA D 25 0.19 -9.73 -5.21
N LEU D 26 0.86 -9.59 -4.05
CA LEU D 26 0.19 -9.94 -2.79
C LEU D 26 -0.97 -9.00 -2.50
N VAL D 27 -0.84 -7.71 -2.81
CA VAL D 27 -1.96 -6.79 -2.60
C VAL D 27 -3.19 -7.25 -3.39
N SER D 28 -3.00 -7.56 -4.69
CA SER D 28 -4.14 -8.01 -5.50
C SER D 28 -4.75 -9.29 -4.95
N THR D 29 -3.91 -10.22 -4.49
CA THR D 29 -4.42 -11.46 -3.93
C THR D 29 -5.22 -11.20 -2.64
N CYS D 30 -4.76 -10.25 -1.81
CA CYS D 30 -5.51 -9.87 -0.62
C CYS D 30 -6.85 -9.25 -0.98
N VAL D 31 -6.85 -8.36 -1.96
CA VAL D 31 -8.09 -7.74 -2.41
C VAL D 31 -9.09 -8.80 -2.88
N ALA D 32 -8.60 -9.82 -3.61
CA ALA D 32 -9.50 -10.89 -4.01
C ALA D 32 -10.04 -11.64 -2.80
N GLY D 33 -9.18 -11.92 -1.82
CA GLY D 33 -9.64 -12.59 -0.61
C GLY D 33 -10.69 -11.78 0.12
N ILE D 34 -10.54 -10.46 0.12
CA ILE D 34 -11.53 -9.60 0.76
C ILE D 34 -12.88 -9.74 0.06
N ARG D 35 -12.89 -9.62 -1.26
CA ARG D 35 -14.14 -9.78 -2.01
C ARG D 35 -14.80 -11.14 -1.72
N ARG D 36 -13.99 -12.20 -1.64
CA ARG D 36 -14.55 -13.55 -1.54
C ARG D 36 -15.34 -13.74 -0.25
N SER D 37 -14.87 -13.17 0.85
CA SER D 37 -15.57 -13.44 2.11
C SER D 37 -16.48 -12.32 2.58
N SER D 38 -16.31 -11.10 2.05
CA SER D 38 -17.11 -9.96 2.49
C SER D 38 -18.00 -9.37 1.40
N GLY D 39 -17.75 -9.70 0.14
CA GLY D 39 -18.49 -9.10 -0.95
C GLY D 39 -18.07 -7.69 -1.31
N ILE D 40 -17.09 -7.13 -0.61
CA ILE D 40 -16.57 -5.80 -0.93
C ILE D 40 -15.68 -5.91 -2.17
N SER D 41 -16.04 -5.17 -3.23
CA SER D 41 -15.48 -5.35 -4.56
C SER D 41 -15.17 -4.00 -5.20
N PHE D 42 -14.01 -3.90 -5.85
CA PHE D 42 -13.67 -2.66 -6.55
C PHE D 42 -14.69 -2.38 -7.64
N GLU D 43 -15.11 -1.12 -7.75
CA GLU D 43 -16.15 -0.72 -8.70
C GLU D 43 -15.49 -0.42 -10.04
N VAL D 44 -15.27 -1.49 -10.81
CA VAL D 44 -14.52 -1.34 -12.06
C VAL D 44 -15.31 -0.53 -13.08
N GLU D 45 -16.64 -0.54 -12.98
CA GLU D 45 -17.47 0.15 -13.96
C GLU D 45 -17.51 1.66 -13.74
N LYS D 46 -16.83 2.18 -12.72
CA LYS D 46 -16.73 3.62 -12.51
C LYS D 46 -15.41 4.18 -13.01
N ILE D 47 -14.62 3.38 -13.71
CA ILE D 47 -13.43 3.86 -14.40
C ILE D 47 -13.84 4.32 -15.79
N HIS D 48 -13.55 5.59 -16.12
CA HIS D 48 -14.08 6.18 -17.34
C HIS D 48 -13.44 5.56 -18.59
N ASN D 49 -12.10 5.52 -18.63
CA ASN D 49 -11.41 5.10 -19.85
C ASN D 49 -11.39 3.58 -19.97
N GLU D 50 -11.66 3.10 -21.19
CA GLU D 50 -11.85 1.67 -21.41
C GLU D 50 -10.54 0.89 -21.27
N ASP D 51 -9.45 1.41 -21.84
CA ASP D 51 -8.17 0.71 -21.76
C ASP D 51 -7.66 0.64 -20.32
N VAL D 52 -7.96 1.64 -19.51
CA VAL D 52 -7.59 1.59 -18.09
C VAL D 52 -8.42 0.55 -17.36
N LYS D 53 -9.73 0.52 -17.63
CA LYS D 53 -10.58 -0.51 -17.03
C LYS D 53 -10.05 -1.91 -17.36
N THR D 54 -9.63 -2.12 -18.61
CA THR D 54 -9.06 -3.41 -18.99
C THR D 54 -7.79 -3.71 -18.22
N ALA D 55 -6.95 -2.69 -18.00
CA ALA D 55 -5.72 -2.90 -17.26
C ALA D 55 -5.99 -3.16 -15.78
N VAL D 56 -6.93 -2.41 -15.19
CA VAL D 56 -7.27 -2.63 -13.79
C VAL D 56 -7.86 -4.02 -13.61
N GLU D 57 -8.75 -4.43 -14.53
CA GLU D 57 -9.35 -5.76 -14.44
C GLU D 57 -8.29 -6.85 -14.57
N LYS D 58 -7.28 -6.62 -15.42
CA LYS D 58 -6.19 -7.59 -15.50
C LYS D 58 -5.47 -7.73 -14.17
N TYR D 59 -5.21 -6.61 -13.50
CA TYR D 59 -4.54 -6.65 -12.21
C TYR D 59 -5.40 -7.34 -11.17
N LEU D 60 -6.68 -6.99 -11.11
CA LEU D 60 -7.54 -7.64 -10.12
C LEU D 60 -7.76 -9.12 -10.45
N ASN D 61 -7.97 -9.44 -11.73
CA ASN D 61 -8.18 -10.84 -12.09
C ASN D 61 -6.95 -11.69 -11.79
N PHE D 62 -5.74 -11.10 -11.87
CA PHE D 62 -4.55 -11.84 -11.46
C PHE D 62 -4.65 -12.21 -9.98
N GLY D 63 -5.08 -11.27 -9.15
CA GLY D 63 -5.24 -11.56 -7.72
C GLY D 63 -6.24 -12.67 -7.48
N GLU D 64 -7.32 -12.70 -8.27
CA GLU D 64 -8.30 -13.78 -8.11
C GLU D 64 -7.69 -15.13 -8.47
N TRP D 65 -6.94 -15.19 -9.57
CA TRP D 65 -6.25 -16.42 -9.95
C TRP D 65 -5.23 -16.82 -8.89
N ALA D 66 -4.44 -15.85 -8.42
CA ALA D 66 -3.40 -16.12 -7.44
C ALA D 66 -3.99 -16.57 -6.11
N PHE D 67 -5.14 -16.00 -5.73
CA PHE D 67 -5.83 -16.49 -4.54
C PHE D 67 -6.16 -17.97 -4.68
N ASP D 68 -6.70 -18.38 -5.84
CA ASP D 68 -7.06 -19.76 -6.05
C ASP D 68 -5.82 -20.67 -6.07
N GLN D 69 -4.75 -20.23 -6.73
CA GLN D 69 -3.52 -21.04 -6.76
C GLN D 69 -2.91 -21.16 -5.37
N SER D 70 -2.93 -20.08 -4.60
CA SER D 70 -2.34 -20.10 -3.26
C SER D 70 -3.14 -20.99 -2.31
N SER D 71 -4.47 -20.91 -2.36
CA SER D 71 -5.25 -21.78 -1.49
C SER D 71 -5.00 -23.25 -1.83
N ALA D 72 -4.90 -23.56 -3.13
CA ALA D 72 -4.63 -24.93 -3.54
C ALA D 72 -3.26 -25.40 -3.05
N PHE D 73 -2.26 -24.51 -3.11
CA PHE D 73 -0.92 -24.92 -2.68
C PHE D 73 -0.88 -25.18 -1.18
N LEU D 74 -1.40 -24.24 -0.39
CA LEU D 74 -1.45 -24.45 1.05
C LEU D 74 -2.25 -25.71 1.39
N GLY D 75 -3.39 -25.91 0.73
CA GLY D 75 -4.17 -27.12 0.93
C GLY D 75 -3.42 -28.40 0.61
N SER D 76 -2.37 -28.32 -0.21
CA SER D 76 -1.58 -29.51 -0.52
C SER D 76 -0.62 -29.89 0.61
N SER D 77 -0.46 -29.04 1.60
CA SER D 77 0.46 -29.29 2.70
C SER D 77 -0.28 -29.92 3.88
N THR D 78 0.38 -30.87 4.57
CA THR D 78 -0.21 -31.45 5.76
C THR D 78 -0.26 -30.47 6.92
N TRP D 79 0.34 -29.28 6.78
CA TRP D 79 0.25 -28.23 7.79
C TRP D 79 -1.06 -27.48 7.74
N PHE D 80 -1.88 -27.71 6.71
CA PHE D 80 -3.17 -27.08 6.57
C PHE D 80 -4.26 -28.13 6.49
N LYS D 81 -5.46 -27.76 6.90
CA LYS D 81 -6.61 -28.66 6.81
C LYS D 81 -7.86 -27.83 6.56
N LYS D 82 -8.82 -28.42 5.87
CA LYS D 82 -10.07 -27.75 5.54
C LYS D 82 -11.06 -27.96 6.68
N VAL D 83 -11.55 -26.87 7.27
CA VAL D 83 -12.56 -26.95 8.31
C VAL D 83 -13.94 -26.67 7.72
P 3PE E . -8.51 0.99 14.78
N 3PE E . -5.63 -1.89 16.32
O11 3PE E . -7.81 1.69 13.45
O12 3PE E . -9.80 0.31 14.33
O13 3PE E . -7.49 -0.15 15.42
O14 3PE E . -8.83 2.03 15.82
C11 3PE E . -7.95 -1.50 15.55
C12 3PE E . -7.04 -2.27 16.55
C1 3PE E . -6.45 2.11 13.51
C2 3PE E . -5.87 1.98 12.10
C3 3PE E . -5.14 3.26 11.68
O31 3PE E . -4.27 2.91 10.61
O32 3PE E . -2.26 3.95 10.67
C31 3PE E . -3.34 3.92 10.18
C32 3PE E . -3.73 4.94 9.06
C33 3PE E . -2.47 5.38 8.27
C34 3PE E . -2.91 6.01 6.91
C35 3PE E . -2.39 5.18 5.70
C36 3PE E . -3.48 5.15 4.59
C37 3PE E . -2.96 4.39 3.31
C38 3PE E . -1.63 5.07 2.83
C39 3PE E . -1.70 5.37 1.30
C3A 3PE E . -0.67 6.50 0.95
C3B 3PE E . -0.20 6.38 -0.53
C3C 3PE E . -1.46 6.17 -1.43
C3D 3PE E . -1.53 4.68 -1.86
C3E 3PE E . -3.02 4.31 -2.13
C3F 3PE E . -3.36 4.60 -3.63
C3G 3PE E . -4.22 3.43 -4.20
C3H 3PE E . -5.21 3.99 -5.23
C3I 3PE E . -5.93 2.85 -5.95
O21 3PE E . -4.97 0.90 12.05
O22 3PE E . -6.23 -0.20 10.51
C21 3PE E . -5.15 0.03 10.92
C22 3PE E . -3.90 -0.60 10.21
C23 3PE E . -4.30 -1.46 8.98
C24 3PE E . -3.00 -2.09 8.38
C25 3PE E . -3.30 -3.45 7.68
C26 3PE E . -2.28 -3.60 6.50
C27 3PE E . -1.50 -4.94 6.60
C28 3PE E . -0.85 -5.24 5.22
C29 3PE E . 0.23 -4.15 4.91
C2A 3PE E . -0.23 -3.26 3.73
C2B 3PE E . 0.89 -2.23 3.37
C2C 3PE E . 0.25 -0.91 2.85
C2D 3PE E . -0.84 -0.44 3.84
C2E 3PE E . -0.35 0.81 4.62
C2F 3PE E . -0.73 0.66 6.10
C2G 3PE E . -0.33 1.95 6.86
C2H 3PE E . 0.35 1.56 8.19
C2I 3PE E . -0.30 2.32 9.35
P 3PE F . 23.00 16.25 -16.67
N 3PE F . 26.59 19.17 -17.75
O11 3PE F . 21.87 15.76 -15.53
O12 3PE F . 23.74 15.03 -17.21
O13 3PE F . 24.09 17.29 -15.97
O14 3PE F . 22.32 16.92 -17.83
C11 3PE F . 24.48 18.45 -16.69
C12 3PE F . 25.99 18.71 -16.49
C1 3PE F . 21.44 14.40 -15.52
C2 3PE F . 20.36 14.24 -14.45
C3 3PE F . 19.84 12.79 -14.48
O31 3PE F . 20.56 11.94 -13.58
O32 3PE F . 18.76 10.56 -13.61
C31 3PE F . 19.90 10.68 -13.34
C32 3PE F . 20.70 9.47 -12.75
C33 3PE F . 19.78 8.54 -11.89
C34 3PE F . 20.67 7.85 -10.80
C35 3PE F . 20.09 6.47 -10.34
C36 3PE F . 20.35 6.35 -8.81
C37 3PE F . 20.91 4.94 -8.39
C38 3PE F . 20.94 4.86 -6.82
C39 3PE F . 22.22 5.52 -6.24
C3A 3PE F . 21.85 6.47 -5.05
C3B 3PE F . 22.83 6.31 -3.84
C3C 3PE F . 23.47 7.69 -3.48
C3D 3PE F . 22.36 8.75 -3.21
C3E 3PE F . 22.08 9.60 -4.48
C3F 3PE F . 20.55 9.90 -4.59
C3G 3PE F . 20.24 10.82 -5.81
C3H 3PE F . 20.42 10.06 -7.12
C3I 3PE F . 20.02 10.96 -8.30
O21 3PE F . 20.91 14.59 -13.20
O22 3PE F . 20.41 14.82 -10.99
C21 3PE F . 20.00 14.62 -12.09
C22 3PE F . 18.45 14.39 -12.30
C23 3PE F . 17.85 13.48 -11.18
C24 3PE F . 16.28 13.57 -11.23
C25 3PE F . 15.65 12.76 -10.05
C26 3PE F . 15.02 13.73 -9.00
C27 3PE F . 14.46 12.93 -7.80
C28 3PE F . 15.23 13.31 -6.48
C29 3PE F . 15.41 12.02 -5.61
C2A 3PE F . 15.50 10.77 -6.54
C2B 3PE F . 15.87 9.48 -5.73
C2C 3PE F . 15.64 8.21 -6.61
C2D 3PE F . 16.19 8.46 -8.04
C2E 3PE F . 15.10 8.15 -9.10
C2F 3PE F . 15.41 8.94 -10.38
C2G 3PE F . 14.75 8.26 -11.62
C2H 3PE F . 14.98 9.14 -12.87
C2I 3PE F . 14.60 8.37 -14.14
P 3PE G . -7.00 4.50 -11.79
N 3PE G . -10.29 7.12 -13.77
O11 3PE G . -5.59 4.29 -10.90
O12 3PE G . -8.17 4.67 -10.84
O13 3PE G . -6.91 5.81 -12.83
O14 3PE G . -7.24 3.27 -12.63
C11 3PE G . -7.98 6.14 -13.72
C12 3PE G . -9.19 6.66 -12.91
C1 3PE G . -5.42 4.73 -9.54
C2 3PE G . -3.91 4.94 -9.33
C3 3PE G . -3.31 4.95 -7.91
O31 3PE G . -1.92 4.65 -8.09
O32 3PE G . -1.16 6.39 -6.84
C31 3PE G . -0.93 5.32 -7.27
C32 3PE G . 0.45 4.64 -6.98
C33 3PE G . 1.31 5.42 -5.92
C34 3PE G . 2.18 4.43 -5.06
C35 3PE G . 1.28 3.58 -4.12
C36 3PE G . 1.65 2.07 -4.23
C37 3PE G . 0.39 1.19 -3.91
C38 3PE G . -0.56 1.26 -5.14
C39 3PE G . -1.56 0.08 -5.19
C3A 3PE G . -2.32 0.24 -6.56
C3B 3PE G . -2.74 -1.11 -7.16
C3C 3PE G . -3.56 -0.80 -8.46
C3D 3PE G . -4.97 -0.28 -8.02
C3E 3PE G . -6.02 -1.43 -7.98
C3F 3PE G . -7.11 -1.11 -6.91
C3G 3PE G . -6.81 -1.84 -5.56
C3H 3PE G . -6.87 -0.80 -4.42
C3I 3PE G . -6.16 -1.31 -3.18
O21 3PE G . -3.25 3.90 -10.04
HN1 3PE G . -11.17 6.92 -13.33
HN2 3PE G . -10.24 6.62 -14.65
H111 3PE G . -8.28 5.25 -14.26
H112 3PE G . -7.66 6.90 -14.42
H121 3PE G . -8.87 7.50 -12.30
H122 3PE G . -9.56 5.87 -12.26
H11 3PE G . -5.79 3.97 -8.86
H12 3PE G . -5.97 5.66 -9.38
H2 3PE G . -3.77 5.96 -9.68
H31 3PE G . -3.79 4.20 -7.30
H32 3PE G . -3.44 5.93 -7.45
H321 3PE G . 1.02 4.57 -7.90
H322 3PE G . 0.26 3.64 -6.60
H331 3PE G . 1.96 6.11 -6.43
H332 3PE G . 0.64 5.96 -5.26
H341 3PE G . 2.88 5.02 -4.47
H342 3PE G . 2.73 3.79 -5.72
H351 3PE G . 0.24 3.71 -4.40
H352 3PE G . 1.42 3.91 -3.09
H361 3PE G . 2.00 1.86 -5.23
H362 3PE G . 2.44 1.85 -3.51
H371 3PE G . -0.11 1.58 -3.02
H372 3PE G . 0.69 0.16 -3.73
H381 3PE G . -1.13 2.19 -5.09
H382 3PE G . 0.04 1.26 -6.05
H391 3PE G . -2.25 0.12 -4.36
H392 3PE G . -1.03 -0.87 -5.17
H3A1 3PE G . -1.67 0.76 -7.26
H3A2 3PE G . -3.21 0.85 -6.37
H3B1 3PE G . -3.36 -1.66 -6.46
H3B2 3PE G . -1.88 -1.70 -7.41
H3C1 3PE G . -3.68 -1.71 -9.06
H3C2 3PE G . -3.06 -0.04 -9.05
H3D1 3PE G . -4.90 0.16 -7.03
H3D2 3PE G . -5.32 0.47 -8.72
H3E1 3PE G . -6.48 -1.53 -8.96
H3E2 3PE G . -5.52 -2.36 -7.73
H3F1 3PE G . -8.08 -1.43 -7.28
H3F2 3PE G . -7.12 -0.03 -6.73
H3G1 3PE G . -7.56 -2.61 -5.40
H3G2 3PE G . -5.83 -2.29 -5.59
H3H1 3PE G . -6.39 0.11 -4.76
H3H2 3PE G . -7.91 -0.60 -4.19
H3I1 3PE G . -5.26 -1.85 -3.46
H3I2 3PE G . -6.82 -1.99 -2.63
H3I3 3PE G . -5.90 -0.47 -2.54
H4 3PE G . -10.20 8.10 -13.94
P 3PE H . -2.37 -27.26 -13.33
N 3PE H . -5.27 -24.91 -11.43
O11 3PE H . -1.22 -26.59 -12.31
O12 3PE H . -2.05 -28.71 -13.60
O13 3PE H . -3.83 -27.12 -12.56
O14 3PE H . -2.37 -26.48 -14.62
C11 3PE H . -4.94 -26.54 -13.26
C12 3PE H . -5.93 -25.98 -12.20
C1 3PE H . -1.10 -25.19 -12.34
C2 3PE H . 0.03 -24.76 -11.41
C3 3PE H . 0.05 -23.24 -11.26
O31 3PE H . 1.29 -22.87 -10.71
O32 3PE H . 2.27 -20.96 -11.45
C31 3PE H . 1.54 -21.47 -10.67
C32 3PE H . 0.85 -20.58 -9.59
C33 3PE H . 1.92 -19.56 -9.08
C34 3PE H . 1.37 -18.84 -7.82
C35 3PE H . 1.48 -17.31 -8.05
C36 3PE H . 0.60 -16.58 -6.99
C37 3PE H . 1.56 -15.83 -6.01
C38 3PE H . 0.76 -15.20 -4.83
C39 3PE H . 1.37 -13.81 -4.52
C3A 3PE H . 2.93 -13.89 -4.56
C3B 3PE H . 3.45 -15.10 -3.75
C3C 3PE H . 4.86 -14.78 -3.13
C3D 3PE H . 5.83 -16.00 -3.31
C3E 3PE H . 5.16 -17.14 -4.12
C3F 3PE H . 5.79 -17.23 -5.53
C3G 3PE H . 6.44 -18.62 -5.77
C3H 3PE H . 7.28 -18.57 -7.07
C3I 3PE H . 6.43 -18.95 -8.27
O21 3PE H . -0.17 -25.35 -10.15
O22 3PE H . 2.08 -25.48 -9.81
C21 3PE H . 0.99 -25.44 -9.32
C22 3PE H . 0.82 -25.49 -7.76
C23 3PE H . 2.18 -25.26 -7.02
C24 3PE H . 2.84 -23.94 -7.51
C25 3PE H . 4.21 -24.27 -8.20
C26 3PE H . 4.82 -22.97 -8.82
C27 3PE H . 6.26 -22.79 -8.29
C28 3PE H . 6.48 -23.71 -7.05
C29 3PE H . 8.01 -23.79 -6.73
C2A 3PE H . 8.35 -22.78 -5.61
C2B 3PE H . 7.59 -23.15 -4.30
C2C 3PE H . 8.21 -22.32 -3.13
C2D 3PE H . 7.15 -22.09 -2.01
C2E 3PE H . 7.62 -20.91 -1.12
C2F 3PE H . 8.45 -21.46 0.07
C2G 3PE H . 9.79 -20.67 0.18
C2H 3PE H . 10.80 -21.47 1.00
C2I 3PE H . 12.22 -21.14 0.52
#